data_6FD3
#
_entry.id   6FD3
#
_cell.length_a   108.825
_cell.length_b   108.825
_cell.length_c   57.934
_cell.angle_alpha   90.000
_cell.angle_beta   90.000
_cell.angle_gamma   90.000
#
_symmetry.space_group_name_H-M   'I 41'
#
loop_
_entity.id
_entity.type
_entity.pdbx_description
1 polymer 'Serine/threonine-protein kinase PAK 3'
2 non-polymer 'MAGNESIUM ION'
3 non-polymer "ADENOSINE-5'-DIPHOSPHATE"
4 non-polymer 1,2-ETHANEDIOL
5 water water
#
_entity_poly.entity_id   1
_entity_poly.type   'polypeptide(L)'
_entity_poly.pdbx_seq_one_letter_code
;SMTDEEILEKLRSIVSVGDPKKKYTRFEKIGQGASGTVYTALDIATGQEVAIKQMNLQQQPKKELIINEILVMRENKNPN
IVNYLDSYLVGDELWVVMEYLAGGSLTDVVTETCMDEGQIAAVCRECLQALDFLHSNQVIHRDIKSDNILLGMDGSVKLT
DFGFCAQITPEQSKRS(T8L)MVGTPYWMAPEVVTRKAYGPKVDIWSLGIMAIEMVEGEPPYLNENPLRALYLIATNGTP
ELQNPERLSAVFRDFLNRCLEMDVDRRGSAKELLQHPFLKLDKPLSSLTPLIIAAKEAIKNSSR
;
_entity_poly.pdbx_strand_id   A
#
loop_
_chem_comp.id
_chem_comp.type
_chem_comp.name
_chem_comp.formula
ADP non-polymer ADENOSINE-5'-DIPHOSPHATE 'C10 H15 N5 O10 P2'
EDO non-polymer 1,2-ETHANEDIOL 'C2 H6 O2'
MG non-polymer 'MAGNESIUM ION' 'Mg 2'
#
# COMPACT_ATOMS: atom_id res chain seq x y z
N SER A 1 -2.36 18.53 -14.27
CA SER A 1 -2.56 19.93 -14.62
C SER A 1 -1.46 20.82 -14.03
N MET A 2 -0.33 20.22 -13.67
CA MET A 2 0.84 20.96 -13.21
C MET A 2 1.99 20.72 -14.19
N THR A 3 2.72 21.79 -14.50
CA THR A 3 3.90 21.66 -15.34
C THR A 3 5.04 21.05 -14.52
N ASP A 4 6.05 20.54 -15.22
CA ASP A 4 7.25 20.04 -14.54
C ASP A 4 7.83 21.08 -13.60
N GLU A 5 7.78 22.34 -13.99
CA GLU A 5 8.35 23.39 -13.17
C GLU A 5 7.51 23.64 -11.92
N GLU A 6 6.19 23.69 -12.10
CA GLU A 6 5.32 23.84 -10.94
C GLU A 6 5.51 22.69 -9.97
N ILE A 7 5.67 21.47 -10.49
CA ILE A 7 5.88 20.32 -9.60
C ILE A 7 7.19 20.47 -8.84
N LEU A 8 8.27 20.80 -9.55
CA LEU A 8 9.56 20.95 -8.90
C LEU A 8 9.55 22.09 -7.90
N GLU A 9 8.86 23.19 -8.23
CA GLU A 9 8.75 24.30 -7.29
C GLU A 9 8.05 23.86 -6.01
N LYS A 10 6.96 23.09 -6.14
CA LYS A 10 6.25 22.61 -4.95
C LYS A 10 7.11 21.66 -4.13
N LEU A 11 7.80 20.73 -4.79
CA LEU A 11 8.64 19.79 -4.06
C LEU A 11 9.77 20.50 -3.32
N ARG A 12 10.39 21.49 -3.96
N ARG A 12 10.40 21.50 -3.95
CA ARG A 12 11.46 22.23 -3.29
CA ARG A 12 11.47 22.20 -3.26
C ARG A 12 10.93 22.93 -2.04
C ARG A 12 10.95 22.96 -2.04
N SER A 13 9.68 23.38 -2.07
CA SER A 13 9.13 24.11 -0.94
C SER A 13 8.82 23.21 0.26
N ILE A 14 8.77 21.89 0.09
CA ILE A 14 8.39 21.00 1.18
C ILE A 14 9.51 20.06 1.64
N VAL A 15 10.59 19.92 0.86
CA VAL A 15 11.69 19.06 1.30
C VAL A 15 12.65 19.85 2.18
N SER A 16 13.54 19.13 2.86
CA SER A 16 14.60 19.75 3.64
C SER A 16 15.76 20.12 2.72
N VAL A 17 16.56 21.10 3.17
CA VAL A 17 17.73 21.52 2.40
C VAL A 17 18.86 20.52 2.62
N GLY A 18 19.71 20.38 1.62
CA GLY A 18 20.91 19.58 1.73
C GLY A 18 20.92 18.39 0.80
N ASP A 19 22.10 17.80 0.66
CA ASP A 19 22.27 16.60 -0.14
C ASP A 19 22.34 15.39 0.79
N PRO A 20 21.47 14.41 0.63
CA PRO A 20 21.45 13.28 1.57
C PRO A 20 22.58 12.27 1.35
N LYS A 21 23.30 12.34 0.23
CA LYS A 21 24.48 11.50 0.07
C LYS A 21 25.58 11.89 1.06
N LYS A 22 25.50 13.08 1.65
CA LYS A 22 26.41 13.50 2.70
C LYS A 22 25.90 13.19 4.11
N LYS A 23 24.68 12.65 4.24
CA LYS A 23 24.07 12.44 5.54
C LYS A 23 23.79 10.98 5.86
N TYR A 24 23.86 10.10 4.87
CA TYR A 24 23.58 8.67 5.03
C TYR A 24 24.68 7.87 4.36
N THR A 25 24.93 6.67 4.89
CA THR A 25 25.99 5.83 4.36
C THR A 25 25.57 4.37 4.45
N ARG A 26 26.40 3.50 3.88
CA ARG A 26 26.17 2.05 3.91
C ARG A 26 24.82 1.69 3.29
N PHE A 27 24.62 2.13 2.06
CA PHE A 27 23.36 1.88 1.36
C PHE A 27 23.29 0.43 0.88
N GLU A 28 22.12 -0.17 1.01
CA GLU A 28 21.85 -1.49 0.44
C GLU A 28 20.45 -1.50 -0.13
N LYS A 29 20.31 -1.89 -1.40
CA LYS A 29 19.00 -1.91 -2.04
C LYS A 29 18.12 -2.99 -1.43
N ILE A 30 16.88 -2.63 -1.07
CA ILE A 30 15.94 -3.60 -0.51
C ILE A 30 14.64 -3.71 -1.30
N GLY A 31 14.35 -2.82 -2.23
CA GLY A 31 13.11 -2.97 -2.97
C GLY A 31 13.02 -1.97 -4.11
N GLN A 32 12.06 -2.20 -4.99
CA GLN A 32 11.81 -1.28 -6.09
C GLN A 32 10.38 -1.45 -6.57
N GLY A 33 9.72 -0.33 -6.86
CA GLY A 33 8.41 -0.35 -7.48
C GLY A 33 8.29 0.59 -8.68
N ALA A 34 7.06 0.94 -9.04
CA ALA A 34 6.84 1.75 -10.23
C ALA A 34 7.41 3.16 -10.12
N SER A 35 7.76 3.62 -8.93
N SER A 35 7.80 3.61 -8.92
CA SER A 35 8.22 4.99 -8.76
CA SER A 35 8.14 5.00 -8.66
C SER A 35 9.66 5.08 -8.27
C SER A 35 9.54 5.20 -8.12
N GLY A 36 10.02 4.33 -7.23
CA GLY A 36 11.30 4.53 -6.59
C GLY A 36 12.04 3.23 -6.29
N THR A 37 13.32 3.39 -5.98
CA THR A 37 14.18 2.33 -5.48
C THR A 37 14.44 2.62 -4.00
N VAL A 38 14.30 1.60 -3.16
CA VAL A 38 14.37 1.78 -1.71
C VAL A 38 15.62 1.08 -1.17
N TYR A 39 16.35 1.77 -0.30
CA TYR A 39 17.58 1.29 0.30
C TYR A 39 17.46 1.32 1.82
N THR A 40 18.19 0.43 2.48
CA THR A 40 18.56 0.71 3.86
C THR A 40 19.83 1.53 3.87
N ALA A 41 19.96 2.34 4.90
CA ALA A 41 21.16 3.15 5.07
C ALA A 41 21.28 3.50 6.54
N LEU A 42 22.47 3.94 6.92
CA LEU A 42 22.71 4.41 8.28
C LEU A 42 22.81 5.92 8.27
N ASP A 43 22.09 6.55 9.19
CA ASP A 43 22.25 7.97 9.45
C ASP A 43 23.68 8.20 9.97
N ILE A 44 24.45 9.02 9.24
CA ILE A 44 25.87 9.22 9.57
C ILE A 44 26.02 9.76 10.97
N ALA A 45 25.13 10.68 11.36
CA ALA A 45 25.28 11.39 12.62
C ALA A 45 24.91 10.53 13.82
N THR A 46 23.93 9.62 13.68
CA THR A 46 23.33 8.93 14.81
C THR A 46 23.48 7.42 14.78
N GLY A 47 23.75 6.82 13.63
CA GLY A 47 23.81 5.38 13.53
C GLY A 47 22.48 4.69 13.28
N GLN A 48 21.36 5.41 13.29
CA GLN A 48 20.05 4.79 13.09
C GLN A 48 19.98 4.15 11.71
N GLU A 49 19.42 2.95 11.65
CA GLU A 49 19.15 2.34 10.35
C GLU A 49 17.78 2.81 9.87
N VAL A 50 17.77 3.41 8.67
CA VAL A 50 16.56 3.97 8.07
C VAL A 50 16.36 3.33 6.70
N ALA A 51 15.18 3.58 6.12
CA ALA A 51 14.88 3.25 4.73
C ALA A 51 14.80 4.54 3.93
N ILE A 52 15.35 4.51 2.71
CA ILE A 52 15.41 5.70 1.86
C ILE A 52 14.86 5.35 0.48
N LYS A 53 13.81 6.04 0.08
CA LYS A 53 13.20 5.85 -1.24
C LYS A 53 13.73 6.92 -2.18
N GLN A 54 14.34 6.48 -3.30
CA GLN A 54 14.95 7.38 -4.26
C GLN A 54 14.11 7.36 -5.53
N MET A 55 13.66 8.53 -5.97
CA MET A 55 12.75 8.66 -7.10
C MET A 55 13.37 9.62 -8.12
N ASN A 56 13.49 9.16 -9.37
CA ASN A 56 13.95 10.01 -10.47
C ASN A 56 12.71 10.63 -11.10
N LEU A 57 12.64 11.96 -11.11
CA LEU A 57 11.36 12.63 -11.29
C LEU A 57 10.85 12.54 -12.72
N GLN A 58 11.73 12.51 -13.72
CA GLN A 58 11.21 12.44 -15.09
C GLN A 58 10.75 11.04 -15.47
N GLN A 59 11.20 10.01 -14.77
CA GLN A 59 10.73 8.65 -15.03
C GLN A 59 9.61 8.26 -14.06
N GLN A 60 8.65 9.17 -13.87
CA GLN A 60 7.52 8.94 -12.98
C GLN A 60 6.23 8.72 -13.75
N PRO A 61 5.41 7.74 -13.35
CA PRO A 61 4.14 7.50 -14.08
C PRO A 61 3.19 8.68 -14.05
N LYS A 62 3.00 9.33 -12.90
CA LYS A 62 2.32 10.63 -12.87
C LYS A 62 3.10 11.52 -11.90
N LYS A 63 3.79 12.50 -12.48
CA LYS A 63 4.79 13.26 -11.74
C LYS A 63 4.19 14.01 -10.56
N GLU A 64 3.05 14.66 -10.76
CA GLU A 64 2.59 15.57 -9.71
C GLU A 64 2.09 14.85 -8.47
N LEU A 65 1.81 13.55 -8.55
CA LEU A 65 1.32 12.86 -7.35
C LEU A 65 2.41 12.64 -6.31
N ILE A 66 3.69 12.81 -6.66
CA ILE A 66 4.74 12.68 -5.64
C ILE A 66 4.59 13.76 -4.58
N ILE A 67 3.98 14.90 -4.93
CA ILE A 67 3.69 15.93 -3.93
C ILE A 67 2.81 15.37 -2.82
N ASN A 68 1.69 14.75 -3.20
CA ASN A 68 0.78 14.16 -2.22
C ASN A 68 1.49 13.14 -1.35
N GLU A 69 2.45 12.42 -1.93
CA GLU A 69 3.17 11.39 -1.19
C GLU A 69 3.85 11.97 0.04
N ILE A 70 4.76 12.93 -0.15
CA ILE A 70 5.44 13.57 0.98
C ILE A 70 4.41 14.16 1.93
N LEU A 71 3.44 14.92 1.37
CA LEU A 71 2.49 15.63 2.22
C LEU A 71 1.67 14.66 3.07
N VAL A 72 1.16 13.59 2.45
CA VAL A 72 0.31 12.67 3.21
C VAL A 72 1.12 11.94 4.27
N MET A 73 2.34 11.52 3.93
N MET A 73 2.34 11.51 3.94
CA MET A 73 3.13 10.76 4.88
CA MET A 73 3.11 10.73 4.90
C MET A 73 3.45 11.57 6.12
C MET A 73 3.51 11.55 6.12
N ARG A 74 3.78 12.84 5.94
CA ARG A 74 4.14 13.67 7.08
C ARG A 74 2.96 14.39 7.72
N GLU A 75 1.85 14.62 7.01
CA GLU A 75 0.69 15.30 7.57
C GLU A 75 -0.34 14.35 8.16
N ASN A 76 -0.26 13.06 7.83
CA ASN A 76 -1.22 12.07 8.34
C ASN A 76 -0.48 10.95 9.04
N LYS A 77 0.27 11.28 10.09
CA LYS A 77 0.96 10.25 10.86
C LYS A 77 -0.06 9.43 11.66
N ASN A 78 0.24 8.14 11.82
CA ASN A 78 -0.64 7.12 12.41
C ASN A 78 0.15 5.85 12.69
N PRO A 79 -0.19 5.07 13.73
CA PRO A 79 0.59 3.85 14.04
C PRO A 79 0.58 2.81 12.93
N ASN A 80 -0.38 2.86 12.00
CA ASN A 80 -0.42 1.90 10.91
C ASN A 80 0.06 2.51 9.60
N ILE A 81 0.72 3.66 9.68
N ILE A 81 0.77 3.63 9.68
CA ILE A 81 1.38 4.29 8.55
CA ILE A 81 1.36 4.29 8.51
C ILE A 81 2.87 4.30 8.83
C ILE A 81 2.85 4.44 8.77
N VAL A 82 3.67 3.99 7.80
CA VAL A 82 5.12 4.06 7.95
C VAL A 82 5.53 5.46 8.38
N ASN A 83 6.46 5.53 9.33
CA ASN A 83 6.83 6.81 9.92
C ASN A 83 7.75 7.59 8.99
N TYR A 84 7.29 8.77 8.58
CA TYR A 84 8.09 9.71 7.80
C TYR A 84 9.17 10.35 8.67
N LEU A 85 10.38 10.47 8.13
CA LEU A 85 11.47 11.14 8.82
C LEU A 85 11.91 12.42 8.12
N ASP A 86 12.14 12.40 6.81
CA ASP A 86 12.65 13.59 6.12
C ASP A 86 12.55 13.37 4.61
N SER A 87 12.85 14.43 3.85
CA SER A 87 12.89 14.32 2.41
C SER A 87 13.89 15.34 1.87
N TYR A 88 14.43 15.03 0.70
CA TYR A 88 15.47 15.84 0.07
C TYR A 88 15.26 15.86 -1.44
N LEU A 89 15.72 16.94 -2.07
CA LEU A 89 15.66 17.08 -3.53
C LEU A 89 17.04 17.44 -4.03
N VAL A 90 17.59 16.63 -4.92
CA VAL A 90 18.83 16.95 -5.62
C VAL A 90 18.51 17.01 -7.12
N GLY A 91 18.27 18.21 -7.62
CA GLY A 91 17.88 18.39 -9.01
C GLY A 91 16.63 17.62 -9.39
N ASP A 92 16.81 16.46 -10.03
CA ASP A 92 15.72 15.65 -10.52
C ASP A 92 15.53 14.36 -9.73
N GLU A 93 16.25 14.18 -8.62
CA GLU A 93 16.09 13.01 -7.76
C GLU A 93 15.48 13.43 -6.44
N LEU A 94 14.39 12.79 -6.06
CA LEU A 94 13.75 13.02 -4.77
C LEU A 94 13.99 11.84 -3.85
N TRP A 95 14.42 12.11 -2.63
CA TRP A 95 14.63 11.08 -1.63
C TRP A 95 13.65 11.29 -0.49
N VAL A 96 13.04 10.21 -0.02
CA VAL A 96 12.21 10.25 1.17
C VAL A 96 12.82 9.28 2.18
N VAL A 97 13.11 9.79 3.37
CA VAL A 97 13.68 9.00 4.46
C VAL A 97 12.54 8.60 5.39
N MET A 98 12.49 7.32 5.77
CA MET A 98 11.41 6.83 6.62
C MET A 98 11.97 5.70 7.49
N GLU A 99 11.14 5.24 8.44
CA GLU A 99 11.59 4.14 9.29
C GLU A 99 11.76 2.89 8.43
N TYR A 100 12.72 2.06 8.84
CA TYR A 100 12.97 0.78 8.20
C TYR A 100 12.20 -0.31 8.92
N LEU A 101 11.41 -1.08 8.17
CA LEU A 101 10.65 -2.20 8.70
C LEU A 101 11.32 -3.48 8.19
N ALA A 102 12.10 -4.13 9.07
CA ALA A 102 12.96 -5.24 8.71
C ALA A 102 12.22 -6.52 8.42
N GLY A 103 10.92 -6.59 8.72
CA GLY A 103 10.17 -7.76 8.28
C GLY A 103 9.87 -7.77 6.80
N GLY A 104 10.18 -6.68 6.09
CA GLY A 104 9.95 -6.63 4.65
C GLY A 104 8.50 -6.31 4.31
N SER A 105 8.04 -6.84 3.18
CA SER A 105 6.68 -6.54 2.77
C SER A 105 5.80 -7.78 2.91
N LEU A 106 4.51 -7.54 2.93
CA LEU A 106 3.59 -8.67 2.99
C LEU A 106 3.75 -9.58 1.77
N THR A 107 4.24 -9.04 0.65
CA THR A 107 4.50 -9.90 -0.51
C THR A 107 5.47 -11.02 -0.16
N ASP A 108 6.53 -10.69 0.59
CA ASP A 108 7.50 -11.71 0.95
C ASP A 108 6.83 -12.86 1.70
N VAL A 109 5.94 -12.52 2.64
CA VAL A 109 5.24 -13.53 3.43
C VAL A 109 4.30 -14.35 2.56
N VAL A 110 3.47 -13.70 1.74
CA VAL A 110 2.44 -14.48 1.05
C VAL A 110 3.01 -15.32 -0.08
N THR A 111 4.21 -15.00 -0.59
CA THR A 111 4.79 -15.78 -1.66
C THR A 111 5.69 -16.90 -1.15
N GLU A 112 6.04 -16.90 0.13
CA GLU A 112 6.93 -17.91 0.69
C GLU A 112 6.31 -18.78 1.76
N THR A 113 5.18 -18.37 2.35
CA THR A 113 4.57 -19.04 3.49
C THR A 113 3.05 -19.04 3.33
N CYS A 114 2.38 -19.79 4.20
N CYS A 114 2.37 -19.81 4.19
CA CYS A 114 0.92 -19.93 4.16
CA CYS A 114 0.92 -19.93 4.16
C CYS A 114 0.34 -19.38 5.45
C CYS A 114 0.35 -19.37 5.46
N MET A 115 -0.30 -18.21 5.37
CA MET A 115 -0.94 -17.61 6.54
C MET A 115 -2.23 -18.35 6.88
N ASP A 116 -2.54 -18.43 8.17
CA ASP A 116 -3.83 -19.00 8.55
C ASP A 116 -4.87 -17.88 8.69
N GLU A 117 -6.12 -18.25 8.98
CA GLU A 117 -7.18 -17.25 8.98
C GLU A 117 -7.03 -16.23 10.09
N GLY A 118 -6.49 -16.65 11.24
CA GLY A 118 -6.25 -15.70 12.32
C GLY A 118 -5.16 -14.70 11.99
N GLN A 119 -4.15 -15.14 11.24
CA GLN A 119 -3.09 -14.22 10.81
C GLN A 119 -3.62 -13.28 9.74
N ILE A 120 -4.45 -13.79 8.84
CA ILE A 120 -5.05 -12.92 7.82
C ILE A 120 -5.97 -11.89 8.47
N ALA A 121 -6.79 -12.33 9.43
CA ALA A 121 -7.68 -11.40 10.13
C ALA A 121 -6.89 -10.30 10.84
N ALA A 122 -5.77 -10.65 11.47
CA ALA A 122 -4.95 -9.65 12.15
C ALA A 122 -4.44 -8.62 11.15
N VAL A 123 -3.93 -9.07 10.01
CA VAL A 123 -3.42 -8.12 9.02
C VAL A 123 -4.54 -7.27 8.46
N CYS A 124 -5.69 -7.87 8.20
CA CYS A 124 -6.82 -7.11 7.69
C CYS A 124 -7.28 -6.04 8.67
N ARG A 125 -7.29 -6.37 9.97
CA ARG A 125 -7.65 -5.38 10.98
C ARG A 125 -6.73 -4.18 10.92
N GLU A 126 -5.41 -4.41 10.86
CA GLU A 126 -4.47 -3.30 10.86
C GLU A 126 -4.63 -2.46 9.60
N CYS A 127 -4.83 -3.11 8.46
CA CYS A 127 -5.00 -2.37 7.21
C CYS A 127 -6.30 -1.57 7.22
N LEU A 128 -7.37 -2.15 7.76
CA LEU A 128 -8.63 -1.41 7.86
C LEU A 128 -8.51 -0.21 8.79
N GLN A 129 -7.73 -0.32 9.88
CA GLN A 129 -7.50 0.85 10.73
C GLN A 129 -6.82 1.96 9.95
N ALA A 130 -5.80 1.62 9.17
CA ALA A 130 -5.10 2.61 8.35
C ALA A 130 -6.05 3.24 7.35
N LEU A 131 -6.85 2.42 6.66
CA LEU A 131 -7.78 2.96 5.65
C LEU A 131 -8.85 3.82 6.29
N ASP A 132 -9.40 3.41 7.42
CA ASP A 132 -10.39 4.25 8.09
C ASP A 132 -9.79 5.60 8.44
N PHE A 133 -8.55 5.60 8.92
CA PHE A 133 -7.87 6.85 9.24
C PHE A 133 -7.67 7.71 7.99
N LEU A 134 -7.13 7.12 6.91
CA LEU A 134 -6.91 7.89 5.68
C LEU A 134 -8.23 8.39 5.10
N HIS A 135 -9.24 7.52 5.02
CA HIS A 135 -10.49 7.92 4.39
C HIS A 135 -11.18 9.00 5.19
N SER A 136 -11.14 8.91 6.52
N SER A 136 -11.14 8.91 6.52
CA SER A 136 -11.72 9.95 7.36
CA SER A 136 -11.71 9.94 7.36
C SER A 136 -11.01 11.28 7.19
C SER A 136 -11.01 11.28 7.18
N ASN A 137 -9.76 11.25 6.73
CA ASN A 137 -9.01 12.46 6.42
C ASN A 137 -8.97 12.73 4.93
N GLN A 138 -9.91 12.14 4.18
CA GLN A 138 -10.12 12.43 2.76
C GLN A 138 -8.88 12.14 1.93
N VAL A 139 -8.21 11.04 2.25
CA VAL A 139 -7.12 10.52 1.42
C VAL A 139 -7.52 9.14 0.91
N ILE A 140 -7.44 8.94 -0.40
CA ILE A 140 -7.58 7.62 -1.02
C ILE A 140 -6.19 7.15 -1.38
N HIS A 141 -5.83 5.93 -0.95
CA HIS A 141 -4.46 5.44 -1.18
C HIS A 141 -4.24 5.10 -2.65
N ARG A 142 -5.14 4.31 -3.23
CA ARG A 142 -5.21 3.93 -4.63
C ARG A 142 -4.17 2.92 -5.06
N ASP A 143 -3.31 2.43 -4.16
CA ASP A 143 -2.37 1.38 -4.55
C ASP A 143 -2.22 0.37 -3.43
N ILE A 144 -3.35 -0.04 -2.83
CA ILE A 144 -3.32 -1.09 -1.81
C ILE A 144 -3.01 -2.43 -2.46
N LYS A 145 -1.99 -3.11 -1.95
CA LYS A 145 -1.54 -4.40 -2.43
C LYS A 145 -0.42 -4.83 -1.52
N SER A 146 -0.07 -6.13 -1.56
CA SER A 146 0.83 -6.68 -0.54
C SER A 146 2.21 -6.03 -0.53
N ASP A 147 2.71 -5.61 -1.71
N ASP A 147 2.72 -5.58 -1.68
CA ASP A 147 4.01 -4.93 -1.80
CA ASP A 147 4.06 -5.02 -1.60
C ASP A 147 4.04 -3.70 -0.90
C ASP A 147 4.09 -3.60 -1.07
N ASN A 148 2.92 -2.99 -0.83
CA ASN A 148 2.87 -1.71 -0.15
C ASN A 148 2.47 -1.84 1.31
N ILE A 149 2.42 -3.06 1.84
CA ILE A 149 2.23 -3.32 3.26
C ILE A 149 3.57 -3.76 3.83
N LEU A 150 4.09 -3.03 4.81
CA LEU A 150 5.35 -3.35 5.45
C LEU A 150 5.12 -4.01 6.80
N LEU A 151 6.08 -4.85 7.20
CA LEU A 151 5.98 -5.63 8.42
C LEU A 151 7.20 -5.41 9.29
N GLY A 152 6.99 -5.14 10.57
CA GLY A 152 8.08 -5.22 11.52
C GLY A 152 8.41 -6.67 11.83
N MET A 153 9.60 -6.92 12.39
CA MET A 153 9.89 -8.28 12.82
C MET A 153 8.94 -8.76 13.90
N ASP A 154 8.30 -7.86 14.64
CA ASP A 154 7.32 -8.27 15.62
C ASP A 154 5.92 -8.41 15.06
N GLY A 155 5.77 -8.34 13.73
CA GLY A 155 4.46 -8.45 13.12
C GLY A 155 3.72 -7.14 12.95
N SER A 156 4.31 -6.01 13.36
CA SER A 156 3.67 -4.72 13.16
C SER A 156 3.35 -4.51 11.69
N VAL A 157 2.19 -3.92 11.41
CA VAL A 157 1.72 -3.77 10.03
C VAL A 157 1.64 -2.28 9.72
N LYS A 158 2.32 -1.85 8.66
CA LYS A 158 2.30 -0.44 8.30
C LYS A 158 2.11 -0.26 6.80
N LEU A 159 1.21 0.64 6.44
N LEU A 159 1.22 0.66 6.45
CA LEU A 159 1.00 1.00 5.06
CA LEU A 159 1.00 1.03 5.06
C LEU A 159 2.08 1.97 4.59
C LEU A 159 2.10 1.98 4.59
N THR A 160 2.57 1.76 3.36
CA THR A 160 3.50 2.71 2.76
C THR A 160 3.07 3.01 1.32
N ASP A 161 3.91 3.77 0.61
CA ASP A 161 3.79 4.07 -0.82
C ASP A 161 2.56 4.89 -1.12
N PHE A 162 2.64 6.18 -0.81
CA PHE A 162 1.55 7.13 -1.02
C PHE A 162 1.70 7.89 -2.33
N GLY A 163 2.51 7.38 -3.25
CA GLY A 163 2.79 8.09 -4.50
C GLY A 163 1.66 8.11 -5.51
N PHE A 164 0.61 7.33 -5.30
CA PHE A 164 -0.57 7.36 -6.16
C PHE A 164 -1.77 7.96 -5.44
N CYS A 165 -1.59 8.46 -4.23
N CYS A 165 -1.56 8.51 -4.25
CA CYS A 165 -2.77 8.81 -3.44
CA CYS A 165 -2.67 8.97 -3.41
C CYS A 165 -3.42 10.11 -3.92
C CYS A 165 -3.48 10.06 -4.10
N ALA A 166 -4.70 10.24 -3.60
CA ALA A 166 -5.52 11.40 -3.92
C ALA A 166 -5.98 12.03 -2.63
N GLN A 167 -5.92 13.35 -2.56
CA GLN A 167 -6.54 14.11 -1.48
C GLN A 167 -7.81 14.71 -2.05
N ILE A 168 -8.99 14.24 -1.56
CA ILE A 168 -10.27 14.62 -2.14
C ILE A 168 -10.84 15.79 -1.36
N THR A 169 -11.63 16.61 -2.05
CA THR A 169 -12.05 17.92 -1.57
C THR A 169 -13.54 18.10 -1.89
N PRO A 170 -14.18 19.14 -1.36
CA PRO A 170 -15.58 19.37 -1.76
C PRO A 170 -15.75 19.60 -3.25
N GLU A 171 -14.82 20.31 -3.87
CA GLU A 171 -14.96 20.61 -5.29
C GLU A 171 -14.57 19.43 -6.17
N GLN A 172 -13.78 18.49 -5.65
CA GLN A 172 -13.41 17.28 -6.40
C GLN A 172 -13.49 16.12 -5.41
N SER A 173 -14.73 15.70 -5.13
CA SER A 173 -14.94 14.71 -4.08
C SER A 173 -14.74 13.31 -4.59
N LYS A 174 -14.75 13.14 -5.91
CA LYS A 174 -14.43 11.87 -6.55
C LYS A 174 -13.28 12.08 -7.51
N ARG A 175 -12.62 10.97 -7.86
CA ARG A 175 -11.49 11.01 -8.76
C ARG A 175 -11.81 10.21 -10.02
N SER A 176 -11.09 10.51 -11.09
CA SER A 176 -11.30 9.79 -12.33
C SER A 176 -10.01 9.35 -13.03
N T8L A 177 -8.87 9.57 -12.40
CA T8L A 177 -7.57 9.16 -13.02
C T8L A 177 -7.39 7.69 -12.98
O T8L A 177 -7.65 7.06 -11.93
CB T8L A 177 -6.40 9.86 -12.33
OG1 T8L A 177 -6.65 11.25 -12.35
CG2 T8L A 177 -5.07 9.56 -13.01
O1P T8L A 177 -7.13 13.44 -11.24
O2P T8L A 177 -7.59 11.34 -9.99
P T8L A 177 -6.67 12.02 -10.95
S1 T8L A 177 -4.72 11.98 -10.25
N MET A 178 -6.96 7.09 -14.09
CA MET A 178 -6.63 5.67 -14.10
C MET A 178 -5.27 5.53 -13.43
N VAL A 179 -5.29 5.20 -12.15
CA VAL A 179 -4.06 5.07 -11.40
C VAL A 179 -4.22 3.91 -10.44
N GLY A 180 -3.10 3.24 -10.20
CA GLY A 180 -3.04 2.08 -9.35
C GLY A 180 -2.26 0.99 -10.05
N THR A 181 -2.43 -0.23 -9.57
CA THR A 181 -1.83 -1.39 -10.20
C THR A 181 -2.96 -2.24 -10.74
N PRO A 182 -2.99 -2.52 -12.06
CA PRO A 182 -4.19 -3.08 -12.71
C PRO A 182 -4.87 -4.23 -11.96
N TYR A 183 -4.09 -5.22 -11.50
CA TYR A 183 -4.67 -6.43 -10.93
C TYR A 183 -5.43 -6.16 -9.64
N TRP A 184 -5.17 -5.03 -8.98
CA TRP A 184 -5.84 -4.70 -7.73
C TRP A 184 -6.93 -3.64 -7.90
N MET A 185 -7.18 -3.18 -9.13
CA MET A 185 -8.10 -2.06 -9.33
C MET A 185 -9.56 -2.48 -9.22
N ALA A 186 -10.35 -1.62 -8.58
CA ALA A 186 -11.78 -1.84 -8.48
C ALA A 186 -12.46 -1.70 -9.85
N PRO A 187 -13.61 -2.36 -10.03
CA PRO A 187 -14.29 -2.25 -11.33
C PRO A 187 -14.67 -0.83 -11.70
N GLU A 188 -15.00 0.03 -10.74
CA GLU A 188 -15.36 1.38 -11.11
C GLU A 188 -14.15 2.16 -11.61
N VAL A 189 -12.94 1.76 -11.19
CA VAL A 189 -11.72 2.34 -11.76
C VAL A 189 -11.50 1.85 -13.19
N VAL A 190 -11.53 0.53 -13.39
CA VAL A 190 -11.18 0.01 -14.72
C VAL A 190 -12.21 0.43 -15.75
N THR A 191 -13.46 0.65 -15.35
CA THR A 191 -14.50 1.08 -16.29
C THR A 191 -14.59 2.59 -16.42
N ARG A 192 -13.64 3.33 -15.85
CA ARG A 192 -13.48 4.76 -16.07
C ARG A 192 -14.67 5.56 -15.53
N LYS A 193 -15.17 5.15 -14.37
CA LYS A 193 -16.20 5.90 -13.65
C LYS A 193 -15.54 6.79 -12.60
N ALA A 194 -16.27 7.81 -12.16
CA ALA A 194 -15.83 8.57 -11.00
C ALA A 194 -15.89 7.68 -9.77
N TYR A 195 -14.86 7.74 -8.93
CA TYR A 195 -14.75 6.79 -7.84
C TYR A 195 -14.28 7.49 -6.57
N GLY A 196 -14.44 6.80 -5.44
CA GLY A 196 -14.14 7.36 -4.14
C GLY A 196 -13.34 6.41 -3.29
N PRO A 197 -13.35 6.64 -1.97
CA PRO A 197 -12.48 5.86 -1.07
C PRO A 197 -12.70 4.36 -1.11
N LYS A 198 -13.88 3.89 -1.49
CA LYS A 198 -14.11 2.44 -1.46
C LYS A 198 -13.33 1.67 -2.51
N VAL A 199 -12.61 2.34 -3.42
CA VAL A 199 -11.71 1.57 -4.28
C VAL A 199 -10.63 0.90 -3.44
N ASP A 200 -10.24 1.51 -2.30
CA ASP A 200 -9.21 0.90 -1.45
C ASP A 200 -9.73 -0.36 -0.77
N ILE A 201 -11.04 -0.42 -0.51
CA ILE A 201 -11.64 -1.60 0.12
C ILE A 201 -11.63 -2.76 -0.87
N TRP A 202 -11.98 -2.51 -2.12
CA TRP A 202 -11.82 -3.54 -3.14
C TRP A 202 -10.39 -4.03 -3.20
N SER A 203 -9.42 -3.11 -3.28
CA SER A 203 -8.02 -3.52 -3.37
C SER A 203 -7.60 -4.33 -2.14
N LEU A 204 -8.11 -3.97 -0.96
CA LEU A 204 -7.84 -4.79 0.22
C LEU A 204 -8.39 -6.19 0.06
N GLY A 205 -9.60 -6.30 -0.51
CA GLY A 205 -10.16 -7.61 -0.79
C GLY A 205 -9.25 -8.45 -1.68
N ILE A 206 -8.68 -7.82 -2.71
CA ILE A 206 -7.74 -8.53 -3.60
C ILE A 206 -6.48 -8.91 -2.83
N MET A 207 -6.02 -8.03 -1.94
CA MET A 207 -4.86 -8.38 -1.12
C MET A 207 -5.15 -9.53 -0.17
N ALA A 208 -6.39 -9.63 0.32
CA ALA A 208 -6.74 -10.80 1.11
C ALA A 208 -6.74 -12.07 0.27
N ILE A 209 -7.10 -11.96 -1.02
CA ILE A 209 -6.92 -13.10 -1.92
C ILE A 209 -5.44 -13.43 -2.07
N GLU A 210 -4.57 -12.42 -2.12
CA GLU A 210 -3.13 -12.70 -2.11
C GLU A 210 -2.73 -13.50 -0.89
N MET A 211 -3.33 -13.19 0.26
CA MET A 211 -2.95 -13.91 1.46
C MET A 211 -3.43 -15.36 1.44
N VAL A 212 -4.44 -15.66 0.61
CA VAL A 212 -4.94 -17.02 0.47
C VAL A 212 -4.20 -17.77 -0.64
N GLU A 213 -3.98 -17.13 -1.78
CA GLU A 213 -3.55 -17.81 -2.99
C GLU A 213 -2.17 -17.39 -3.47
N GLY A 214 -1.53 -16.41 -2.82
CA GLY A 214 -0.19 -15.99 -3.13
C GLY A 214 -0.07 -14.91 -4.18
N GLU A 215 -1.16 -14.55 -4.86
CA GLU A 215 -1.13 -13.59 -5.95
C GLU A 215 -2.56 -13.14 -6.22
N PRO A 216 -2.73 -11.96 -6.83
CA PRO A 216 -4.08 -11.52 -7.22
C PRO A 216 -4.52 -12.26 -8.46
N PRO A 217 -5.81 -12.22 -8.80
CA PRO A 217 -6.24 -12.85 -10.05
C PRO A 217 -5.57 -12.22 -11.27
N TYR A 218 -5.33 -13.04 -12.28
CA TYR A 218 -4.95 -12.62 -13.63
C TYR A 218 -3.53 -12.08 -13.71
N LEU A 219 -2.64 -12.40 -12.74
CA LEU A 219 -1.35 -11.74 -12.66
C LEU A 219 -0.48 -11.95 -13.90
N ASN A 220 -0.67 -13.08 -14.59
CA ASN A 220 0.08 -13.39 -15.80
C ASN A 220 -0.44 -12.66 -17.03
N GLU A 221 -1.66 -12.12 -16.96
CA GLU A 221 -2.28 -11.53 -18.14
C GLU A 221 -1.71 -10.15 -18.41
N ASN A 222 -1.70 -9.76 -19.69
CA ASN A 222 -1.37 -8.38 -20.03
C ASN A 222 -2.27 -7.44 -19.25
N PRO A 223 -1.77 -6.29 -18.81
CA PRO A 223 -2.60 -5.39 -18.00
C PRO A 223 -3.95 -5.06 -18.60
N LEU A 224 -4.00 -4.74 -19.90
CA LEU A 224 -5.28 -4.38 -20.51
C LEU A 224 -6.25 -5.56 -20.52
N ARG A 225 -5.72 -6.78 -20.64
CA ARG A 225 -6.57 -7.97 -20.54
C ARG A 225 -7.13 -8.12 -19.13
N ALA A 226 -6.25 -7.99 -18.12
CA ALA A 226 -6.71 -8.02 -16.73
C ALA A 226 -7.81 -6.99 -16.48
N LEU A 227 -7.65 -5.78 -17.00
CA LEU A 227 -8.69 -4.77 -16.78
C LEU A 227 -10.02 -5.20 -17.35
N TYR A 228 -10.03 -5.81 -18.56
CA TYR A 228 -11.28 -6.29 -19.13
C TYR A 228 -11.86 -7.43 -18.28
N LEU A 229 -11.00 -8.32 -17.79
CA LEU A 229 -11.47 -9.42 -16.94
C LEU A 229 -12.08 -8.89 -15.64
N ILE A 230 -11.49 -7.84 -15.07
CA ILE A 230 -12.07 -7.24 -13.86
C ILE A 230 -13.45 -6.67 -14.18
N ALA A 231 -13.57 -5.99 -15.32
CA ALA A 231 -14.82 -5.36 -15.69
C ALA A 231 -15.95 -6.36 -15.90
N THR A 232 -15.62 -7.56 -16.40
CA THR A 232 -16.65 -8.51 -16.81
C THR A 232 -16.87 -9.64 -15.81
N ASN A 233 -15.87 -9.98 -14.99
CA ASN A 233 -16.04 -11.05 -14.02
C ASN A 233 -16.61 -10.54 -12.72
N GLY A 234 -16.48 -9.25 -12.45
CA GLY A 234 -16.99 -8.75 -11.19
C GLY A 234 -16.20 -9.31 -10.04
N THR A 235 -16.91 -9.77 -9.01
CA THR A 235 -16.29 -10.34 -7.82
C THR A 235 -15.49 -11.58 -8.20
N PRO A 236 -14.18 -11.58 -8.04
CA PRO A 236 -13.38 -12.72 -8.50
C PRO A 236 -13.67 -13.96 -7.68
N GLU A 237 -13.49 -15.11 -8.31
CA GLU A 237 -13.68 -16.40 -7.68
C GLU A 237 -12.35 -16.94 -7.16
N LEU A 238 -12.42 -17.61 -6.01
CA LEU A 238 -11.27 -18.31 -5.45
C LEU A 238 -11.11 -19.68 -6.10
N GLN A 239 -9.88 -20.19 -6.09
CA GLN A 239 -9.64 -21.52 -6.63
C GLN A 239 -10.30 -22.59 -5.77
N ASN A 240 -10.25 -22.44 -4.45
CA ASN A 240 -10.74 -23.45 -3.51
C ASN A 240 -11.49 -22.77 -2.37
N PRO A 241 -12.64 -22.18 -2.64
CA PRO A 241 -13.37 -21.46 -1.58
C PRO A 241 -13.81 -22.35 -0.44
N GLU A 242 -13.95 -23.66 -0.68
CA GLU A 242 -14.33 -24.58 0.38
C GLU A 242 -13.28 -24.71 1.47
N ARG A 243 -12.05 -24.26 1.23
CA ARG A 243 -11.02 -24.28 2.25
C ARG A 243 -11.12 -23.14 3.25
N LEU A 244 -11.99 -22.16 3.01
CA LEU A 244 -12.10 -21.00 3.89
C LEU A 244 -13.37 -21.07 4.72
N SER A 245 -13.31 -20.49 5.92
CA SER A 245 -14.49 -20.44 6.78
C SER A 245 -15.57 -19.58 6.16
N ALA A 246 -16.83 -19.86 6.53
CA ALA A 246 -17.93 -19.05 6.02
C ALA A 246 -17.77 -17.58 6.40
N VAL A 247 -17.29 -17.31 7.62
CA VAL A 247 -17.18 -15.91 8.03
C VAL A 247 -16.09 -15.19 7.23
N PHE A 248 -14.99 -15.88 6.91
CA PHE A 248 -13.97 -15.25 6.07
C PHE A 248 -14.49 -15.03 4.66
N ARG A 249 -15.21 -16.00 4.10
CA ARG A 249 -15.77 -15.82 2.76
C ARG A 249 -16.74 -14.63 2.74
N ASP A 250 -17.48 -14.44 3.83
CA ASP A 250 -18.41 -13.31 3.87
C ASP A 250 -17.66 -11.99 3.91
N PHE A 251 -16.59 -11.92 4.70
CA PHE A 251 -15.74 -10.74 4.73
C PHE A 251 -15.22 -10.40 3.33
N LEU A 252 -14.72 -11.42 2.60
CA LEU A 252 -14.24 -11.19 1.25
C LEU A 252 -15.36 -10.68 0.35
N ASN A 253 -16.56 -11.26 0.47
CA ASN A 253 -17.67 -10.83 -0.37
C ASN A 253 -18.02 -9.37 -0.11
N ARG A 254 -17.90 -8.93 1.15
N ARG A 254 -17.89 -8.92 1.14
CA ARG A 254 -18.23 -7.55 1.47
CA ARG A 254 -18.24 -7.53 1.45
C ARG A 254 -17.17 -6.58 0.97
C ARG A 254 -17.16 -6.56 1.01
N CYS A 255 -15.90 -7.00 0.94
CA CYS A 255 -14.85 -6.16 0.38
C CYS A 255 -14.98 -6.04 -1.12
N LEU A 256 -15.47 -7.11 -1.77
CA LEU A 256 -15.39 -7.25 -3.21
C LEU A 256 -16.77 -7.16 -3.87
N GLU A 257 -17.67 -6.42 -3.24
CA GLU A 257 -18.97 -6.11 -3.85
C GLU A 257 -18.77 -5.26 -5.09
N MET A 258 -19.46 -5.64 -6.17
CA MET A 258 -19.48 -4.84 -7.39
C MET A 258 -20.12 -3.47 -7.16
N ASP A 259 -21.27 -3.47 -6.51
CA ASP A 259 -22.01 -2.24 -6.22
C ASP A 259 -21.25 -1.46 -5.16
N VAL A 260 -20.81 -0.25 -5.52
CA VAL A 260 -20.03 0.55 -4.58
C VAL A 260 -20.83 0.82 -3.31
N ASP A 261 -22.14 1.05 -3.46
CA ASP A 261 -22.95 1.34 -2.28
C ASP A 261 -23.09 0.13 -1.37
N ARG A 262 -23.13 -1.08 -1.95
CA ARG A 262 -23.18 -2.30 -1.15
C ARG A 262 -21.82 -2.66 -0.54
N ARG A 263 -20.72 -2.19 -1.12
CA ARG A 263 -19.40 -2.53 -0.60
C ARG A 263 -19.18 -1.91 0.77
N GLY A 264 -18.52 -2.64 1.65
CA GLY A 264 -18.29 -2.14 2.99
C GLY A 264 -17.35 -0.94 3.00
N SER A 265 -17.61 -0.02 3.92
CA SER A 265 -16.60 0.98 4.23
C SER A 265 -15.59 0.40 5.20
N ALA A 266 -14.45 1.09 5.36
CA ALA A 266 -13.45 0.65 6.32
C ALA A 266 -14.06 0.55 7.72
N LYS A 267 -14.82 1.58 8.13
CA LYS A 267 -15.40 1.56 9.46
C LYS A 267 -16.38 0.41 9.63
N GLU A 268 -17.20 0.14 8.61
CA GLU A 268 -18.12 -0.99 8.68
C GLU A 268 -17.38 -2.32 8.76
N LEU A 269 -16.35 -2.50 7.95
CA LEU A 269 -15.63 -3.77 7.93
C LEU A 269 -14.84 -3.99 9.20
N LEU A 270 -14.48 -2.93 9.91
CA LEU A 270 -13.84 -3.11 11.20
C LEU A 270 -14.77 -3.81 12.20
N GLN A 271 -16.08 -3.80 11.98
CA GLN A 271 -17.03 -4.50 12.84
C GLN A 271 -17.35 -5.91 12.37
N HIS A 272 -16.72 -6.36 11.29
CA HIS A 272 -17.08 -7.66 10.74
C HIS A 272 -16.60 -8.77 11.67
N PRO A 273 -17.41 -9.81 11.89
CA PRO A 273 -17.01 -10.86 12.84
C PRO A 273 -15.76 -11.63 12.43
N PHE A 274 -15.35 -11.57 11.16
CA PHE A 274 -14.10 -12.22 10.76
C PHE A 274 -12.91 -11.69 11.56
N LEU A 275 -12.92 -10.41 11.91
CA LEU A 275 -11.78 -9.87 12.62
C LEU A 275 -11.69 -10.37 14.06
N LYS A 276 -12.79 -10.92 14.60
N LYS A 276 -12.78 -10.92 14.60
CA LYS A 276 -12.72 -11.51 15.92
CA LYS A 276 -12.71 -11.51 15.93
C LYS A 276 -11.92 -12.81 15.94
C LYS A 276 -11.93 -12.81 15.94
N LEU A 277 -11.58 -13.35 14.77
CA LEU A 277 -10.72 -14.52 14.69
C LEU A 277 -9.24 -14.17 14.76
N ASP A 278 -8.90 -12.90 14.94
CA ASP A 278 -7.51 -12.49 14.81
C ASP A 278 -6.63 -13.10 15.90
N LYS A 279 -5.40 -13.39 15.51
CA LYS A 279 -4.30 -13.80 16.37
C LYS A 279 -3.40 -12.60 16.64
N PRO A 280 -2.61 -12.64 17.71
CA PRO A 280 -1.65 -11.54 17.91
C PRO A 280 -0.73 -11.43 16.71
N LEU A 281 -0.29 -10.20 16.44
CA LEU A 281 0.59 -9.97 15.29
C LEU A 281 1.94 -10.67 15.47
N SER A 282 2.34 -10.91 16.72
CA SER A 282 3.56 -11.68 16.97
C SER A 282 3.52 -13.05 16.33
N SER A 283 2.32 -13.57 16.02
CA SER A 283 2.21 -14.85 15.33
C SER A 283 2.73 -14.79 13.91
N LEU A 284 2.90 -13.59 13.35
CA LEU A 284 3.50 -13.45 12.03
C LEU A 284 5.01 -13.63 12.05
N THR A 285 5.64 -13.44 13.20
CA THR A 285 7.10 -13.43 13.24
C THR A 285 7.73 -14.70 12.65
N PRO A 286 7.25 -15.91 12.94
CA PRO A 286 7.89 -17.09 12.31
C PRO A 286 7.71 -17.13 10.80
N LEU A 287 6.59 -16.63 10.27
CA LEU A 287 6.42 -16.54 8.82
C LEU A 287 7.37 -15.52 8.21
N ILE A 288 7.53 -14.38 8.88
CA ILE A 288 8.43 -13.35 8.40
C ILE A 288 9.86 -13.88 8.33
N ILE A 289 10.31 -14.55 9.39
CA ILE A 289 11.66 -15.11 9.42
C ILE A 289 11.83 -16.15 8.33
N ALA A 290 10.84 -17.05 8.20
CA ALA A 290 10.94 -18.12 7.20
C ALA A 290 10.98 -17.56 5.79
N ALA A 291 10.26 -16.46 5.55
CA ALA A 291 10.25 -15.87 4.22
C ALA A 291 11.59 -15.20 3.92
N LYS A 292 12.15 -14.49 4.90
CA LYS A 292 13.45 -13.84 4.69
C LYS A 292 14.52 -14.88 4.41
N GLU A 293 14.50 -16.00 5.14
CA GLU A 293 15.48 -17.06 4.91
C GLU A 293 15.31 -17.68 3.53
N ALA A 294 14.06 -17.90 3.11
CA ALA A 294 13.85 -18.50 1.79
C ALA A 294 14.31 -17.57 0.68
N ILE A 295 14.07 -16.26 0.84
CA ILE A 295 14.50 -15.29 -0.16
C ILE A 295 16.03 -15.19 -0.18
N LYS A 296 16.65 -15.18 1.01
CA LYS A 296 18.11 -15.18 1.07
C LYS A 296 18.69 -16.40 0.37
N ASN A 297 18.03 -17.54 0.48
CA ASN A 297 18.49 -18.76 -0.19
C ASN A 297 17.70 -19.01 -1.48
MG MG B . 4.99 0.33 -4.01
MG MG C . 4.26 3.76 -5.42
PB ADP D . 7.13 2.40 -5.29
O1B ADP D . 8.18 2.49 -6.36
O2B ADP D . 6.33 1.13 -5.40
O3B ADP D . 6.29 3.67 -5.13
PA ADP D . 7.55 1.67 -2.47
O1A ADP D . 7.57 2.83 -1.51
O2A ADP D . 6.31 0.80 -2.58
O3A ADP D . 8.03 2.18 -3.93
O5' ADP D . 8.74 0.68 -2.07
C5' ADP D . 9.16 -0.38 -2.92
C4' ADP D . 9.41 -1.60 -2.08
O4' ADP D . 10.50 -1.41 -1.15
C3' ADP D . 8.21 -1.94 -1.21
O3' ADP D . 7.28 -2.74 -1.97
C2' ADP D . 8.86 -2.71 -0.09
O2' ADP D . 9.18 -4.04 -0.50
C1' ADP D . 10.21 -2.05 0.09
N9 ADP D . 10.12 -0.98 1.12
C8 ADP D . 9.68 0.27 0.92
N7 ADP D . 9.72 1.00 2.08
C5 ADP D . 10.23 0.18 3.02
C6 ADP D . 10.53 0.34 4.45
N6 ADP D . 10.31 1.51 5.05
N1 ADP D . 11.04 -0.74 5.09
C2 ADP D . 11.25 -1.92 4.48
N3 ADP D . 10.99 -2.12 3.16
C4 ADP D . 10.49 -1.12 2.41
C1 EDO E . 14.21 4.60 -10.00
O1 EDO E . 13.36 3.70 -9.27
C2 EDO E . 13.95 6.03 -9.53
O2 EDO E . 12.72 6.51 -10.10
C1 EDO F . -6.28 -19.16 4.06
O1 EDO F . -5.48 -19.97 3.20
C2 EDO F . -6.13 -19.65 5.49
O2 EDO F . -6.21 -21.08 5.50
#